data_1YRW
#
_entry.id   1YRW
#
_cell.length_a   59.103
_cell.length_b   113.253
_cell.length_c   124.946
_cell.angle_alpha   90.00
_cell.angle_beta   90.00
_cell.angle_gamma   90.00
#
_symmetry.space_group_name_H-M   'C 2 2 21'
#
loop_
_entity.id
_entity.type
_entity.pdbx_description
1 polymer 'protein ArnA'
2 water water
#
_entity_poly.entity_id   1
_entity_poly.type   'polypeptide(L)'
_entity_poly.pdbx_seq_one_letter_code
;MKTVVFAYHDMGCLGIEALLAAGYEISAIFTHTDNPGEKAFYGSVARLAAERGIPVYAPDNVNHPLWVERIAQLSPDVIF
SFYYRHLIYDEILQLAPAGAFNLHGSLLPKYRGRAPLNWVLVNGETETGVTLHRMVKRADAGAIVAQLRIAIAPDDIAIT
LHHKLCHAARQLLEQTLPAIKHGNILEIAQRENEATCFGRRTPDDSFLEWHKPASVLHNMVRAVADPWPGAFSYVGNQKF
TVWSSRVHPHASKAQPGSVISVAPLLIACGDGALEIVTGQAGDGITMQGSQLAQTLGLVQPG
;
_entity_poly.pdbx_strand_id   A
#
# COMPACT_ATOMS: atom_id res chain seq x y z
N MET A 1 23.66 -10.79 13.88
CA MET A 1 22.25 -10.84 14.40
C MET A 1 21.36 -11.75 13.55
N LYS A 2 20.71 -12.72 14.17
CA LYS A 2 19.88 -13.60 13.38
C LYS A 2 18.43 -13.16 13.45
N THR A 3 17.72 -13.39 12.36
CA THR A 3 16.36 -12.91 12.29
C THR A 3 15.43 -13.83 11.50
N VAL A 4 14.14 -13.73 11.83
CA VAL A 4 13.10 -14.43 11.12
C VAL A 4 12.33 -13.28 10.51
N VAL A 5 12.08 -13.39 9.21
CA VAL A 5 11.43 -12.31 8.49
C VAL A 5 10.09 -12.68 7.90
N PHE A 6 9.15 -11.74 8.01
CA PHE A 6 7.82 -11.91 7.45
C PHE A 6 7.80 -10.86 6.36
N ALA A 7 7.57 -11.30 5.12
CA ALA A 7 7.69 -10.35 4.01
C ALA A 7 6.88 -10.72 2.79
N TYR A 8 6.49 -9.70 2.04
CA TYR A 8 5.76 -9.90 0.80
C TYR A 8 5.86 -8.65 -0.06
N HIS A 9 5.68 -8.82 -1.37
CA HIS A 9 5.64 -7.69 -2.29
C HIS A 9 7.00 -7.01 -2.49
N ASP A 10 7.03 -5.88 -3.17
CA ASP A 10 8.31 -5.19 -3.40
C ASP A 10 8.97 -4.76 -2.09
N MET A 11 8.16 -4.29 -1.15
CA MET A 11 8.71 -3.88 0.14
C MET A 11 9.35 -5.08 0.83
N GLY A 12 8.73 -6.24 0.70
CA GLY A 12 9.30 -7.43 1.31
C GLY A 12 10.64 -7.76 0.68
N CYS A 13 10.71 -7.66 -0.65
CA CYS A 13 11.94 -7.99 -1.33
C CYS A 13 13.06 -7.03 -0.93
N LEU A 14 12.76 -5.74 -0.94
CA LEU A 14 13.82 -4.79 -0.62
C LEU A 14 14.22 -4.86 0.84
N GLY A 15 13.28 -5.25 1.71
CA GLY A 15 13.61 -5.36 3.11
C GLY A 15 14.56 -6.54 3.32
N ILE A 16 14.29 -7.65 2.66
CA ILE A 16 15.17 -8.82 2.75
C ILE A 16 16.56 -8.45 2.21
N GLU A 17 16.60 -7.79 1.06
CA GLU A 17 17.90 -7.40 0.49
C GLU A 17 18.64 -6.49 1.47
N ALA A 18 17.93 -5.57 2.11
CA ALA A 18 18.59 -4.65 3.03
C ALA A 18 19.12 -5.36 4.27
N LEU A 19 18.38 -6.35 4.74
CA LEU A 19 18.85 -7.09 5.90
C LEU A 19 20.13 -7.83 5.53
N LEU A 20 20.13 -8.41 4.34
CA LEU A 20 21.27 -9.18 3.89
C LEU A 20 22.47 -8.26 3.72
N ALA A 21 22.25 -7.08 3.17
CA ALA A 21 23.35 -6.14 2.97
C ALA A 21 23.89 -5.63 4.31
N ALA A 22 23.03 -5.60 5.33
CA ALA A 22 23.43 -5.13 6.65
C ALA A 22 24.07 -6.23 7.51
N GLY A 23 24.26 -7.40 6.92
CA GLY A 23 24.90 -8.49 7.63
C GLY A 23 24.01 -9.37 8.52
N TYR A 24 22.70 -9.21 8.41
CA TYR A 24 21.83 -10.06 9.23
C TYR A 24 21.80 -11.46 8.67
N GLU A 25 21.63 -12.45 9.55
CA GLU A 25 21.52 -13.83 9.15
C GLU A 25 20.01 -14.14 9.15
N ILE A 26 19.44 -14.33 7.98
CA ILE A 26 18.01 -14.62 7.86
C ILE A 26 17.82 -16.13 7.90
N SER A 27 17.24 -16.61 9.01
CA SER A 27 17.03 -18.03 9.22
C SER A 27 15.86 -18.58 8.45
N ALA A 28 14.85 -17.75 8.27
CA ALA A 28 13.66 -18.16 7.55
C ALA A 28 12.87 -16.94 7.17
N ILE A 29 12.09 -17.09 6.10
CA ILE A 29 11.20 -16.03 5.62
C ILE A 29 9.79 -16.59 5.55
N PHE A 30 8.83 -15.82 6.06
CA PHE A 30 7.43 -16.20 6.02
C PHE A 30 6.81 -15.25 5.04
N THR A 31 6.02 -15.80 4.11
CA THR A 31 5.43 -14.98 3.10
C THR A 31 4.03 -15.50 2.73
N HIS A 32 3.52 -15.08 1.59
CA HIS A 32 2.18 -15.48 1.18
C HIS A 32 2.21 -16.04 -0.23
N THR A 33 1.26 -16.90 -0.55
CA THR A 33 1.19 -17.37 -1.93
C THR A 33 0.43 -16.24 -2.58
N ASP A 34 0.45 -16.17 -3.90
CA ASP A 34 -0.23 -15.08 -4.59
C ASP A 34 -1.69 -15.39 -4.90
N PHE A 41 2.53 -7.51 -10.29
CA PHE A 41 3.60 -6.82 -11.01
C PHE A 41 4.87 -6.71 -10.15
N TYR A 42 4.72 -6.96 -8.86
CA TYR A 42 5.84 -6.85 -7.92
C TYR A 42 6.73 -8.08 -7.80
N GLY A 43 7.88 -7.86 -7.18
CA GLY A 43 8.85 -8.92 -6.96
C GLY A 43 8.29 -9.97 -6.02
N SER A 44 8.77 -11.21 -6.21
CA SER A 44 8.33 -12.33 -5.38
C SER A 44 9.33 -12.57 -4.24
N VAL A 45 8.84 -12.46 -3.02
CA VAL A 45 9.69 -12.73 -1.88
C VAL A 45 10.11 -14.21 -1.91
N ALA A 46 9.18 -15.09 -2.29
CA ALA A 46 9.51 -16.53 -2.31
C ALA A 46 10.64 -16.81 -3.30
N ARG A 47 10.53 -16.25 -4.49
CA ARG A 47 11.58 -16.46 -5.47
C ARG A 47 12.92 -15.92 -4.95
N LEU A 48 12.90 -14.75 -4.31
CA LEU A 48 14.13 -14.18 -3.78
C LEU A 48 14.71 -15.08 -2.70
N ALA A 49 13.84 -15.61 -1.85
CA ALA A 49 14.31 -16.49 -0.79
C ALA A 49 14.86 -17.76 -1.42
N ALA A 50 14.10 -18.35 -2.34
CA ALA A 50 14.51 -19.60 -3.00
C ALA A 50 15.85 -19.43 -3.66
N GLU A 51 16.05 -18.26 -4.28
CA GLU A 51 17.30 -17.97 -4.95
C GLU A 51 18.45 -17.75 -3.99
N ARG A 52 18.18 -17.13 -2.83
CA ARG A 52 19.23 -16.88 -1.85
C ARG A 52 19.44 -18.10 -0.91
N GLY A 53 18.67 -19.16 -1.11
CA GLY A 53 18.83 -20.37 -0.30
C GLY A 53 18.34 -20.18 1.13
N ILE A 54 17.31 -19.38 1.29
CA ILE A 54 16.75 -19.13 2.62
C ILE A 54 15.43 -19.87 2.72
N PRO A 55 15.24 -20.68 3.78
CA PRO A 55 13.99 -21.42 3.93
C PRO A 55 12.85 -20.44 3.88
N VAL A 56 11.77 -20.83 3.21
CA VAL A 56 10.63 -19.96 3.08
C VAL A 56 9.33 -20.73 3.29
N TYR A 57 8.43 -20.13 4.06
CA TYR A 57 7.14 -20.74 4.37
C TYR A 57 6.02 -19.79 4.08
N ALA A 58 4.90 -20.33 3.60
CA ALA A 58 3.75 -19.51 3.30
C ALA A 58 2.46 -20.01 3.91
N PRO A 59 2.48 -20.30 5.22
CA PRO A 59 1.24 -20.76 5.84
C PRO A 59 0.22 -19.63 5.78
N ASP A 60 -1.05 -19.98 5.66
CA ASP A 60 -2.11 -18.98 5.61
C ASP A 60 -2.26 -18.23 6.95
N ASN A 61 -1.85 -18.88 8.04
CA ASN A 61 -2.04 -18.30 9.37
C ASN A 61 -0.93 -18.85 10.30
N VAL A 62 -0.14 -17.98 10.92
CA VAL A 62 0.95 -18.44 11.78
C VAL A 62 0.61 -18.41 13.27
N ASN A 63 -0.60 -17.96 13.61
CA ASN A 63 -0.98 -17.80 15.00
C ASN A 63 -1.49 -19.07 15.60
N HIS A 64 -0.56 -19.99 15.68
CA HIS A 64 -0.85 -21.33 16.14
C HIS A 64 0.44 -21.87 16.74
N PRO A 65 0.34 -22.71 17.77
CA PRO A 65 1.56 -23.25 18.37
C PRO A 65 2.54 -23.97 17.44
N LEU A 66 2.06 -24.54 16.35
CA LEU A 66 2.94 -25.24 15.42
C LEU A 66 3.99 -24.26 14.92
N TRP A 67 3.55 -23.07 14.58
CA TRP A 67 4.49 -22.07 14.06
C TRP A 67 5.25 -21.38 15.15
N VAL A 68 4.65 -21.24 16.33
CA VAL A 68 5.38 -20.60 17.39
C VAL A 68 6.61 -21.45 17.67
N GLU A 69 6.40 -22.76 17.71
CA GLU A 69 7.50 -23.65 18.05
C GLU A 69 8.56 -23.68 16.97
N ARG A 70 8.13 -23.67 15.71
CA ARG A 70 9.08 -23.68 14.60
C ARG A 70 9.90 -22.41 14.63
N ILE A 71 9.26 -21.27 14.91
CA ILE A 71 10.00 -20.03 14.97
C ILE A 71 10.90 -19.99 16.20
N ALA A 72 10.44 -20.53 17.32
CA ALA A 72 11.24 -20.55 18.53
C ALA A 72 12.51 -21.34 18.29
N GLN A 73 12.41 -22.42 17.54
CA GLN A 73 13.57 -23.26 17.28
C GLN A 73 14.62 -22.55 16.44
N LEU A 74 14.19 -21.54 15.68
CA LEU A 74 15.11 -20.78 14.85
C LEU A 74 15.86 -19.73 15.67
N SER A 75 15.41 -19.51 16.90
CA SER A 75 16.04 -18.59 17.84
C SER A 75 16.37 -17.21 17.28
N PRO A 76 15.38 -16.52 16.71
CA PRO A 76 15.73 -15.20 16.18
C PRO A 76 16.09 -14.21 17.29
N ASP A 77 17.03 -13.32 17.01
CA ASP A 77 17.36 -12.29 17.97
C ASP A 77 16.34 -11.17 17.76
N VAL A 78 15.90 -11.05 16.51
CA VAL A 78 15.01 -9.95 16.13
C VAL A 78 14.08 -10.42 15.02
N ILE A 79 12.90 -9.84 14.94
CA ILE A 79 11.95 -10.24 13.90
C ILE A 79 11.61 -9.00 13.10
N PHE A 80 11.49 -9.15 11.79
CA PHE A 80 11.09 -8.03 10.94
C PHE A 80 9.86 -8.38 10.13
N SER A 81 8.98 -7.41 9.97
CA SER A 81 7.79 -7.58 9.12
C SER A 81 7.90 -6.53 8.01
N PHE A 82 7.97 -6.98 6.76
CA PHE A 82 8.04 -6.04 5.64
C PHE A 82 6.87 -6.36 4.71
N TYR A 83 5.74 -5.71 4.99
CA TYR A 83 4.54 -5.85 4.17
C TYR A 83 3.89 -7.22 4.21
N TYR A 84 4.11 -7.94 5.30
CA TYR A 84 3.43 -9.21 5.53
C TYR A 84 1.98 -8.72 5.79
N ARG A 85 0.99 -9.47 5.30
CA ARG A 85 -0.39 -9.02 5.38
C ARG A 85 -1.28 -9.53 6.48
N HIS A 86 -0.77 -10.44 7.28
CA HIS A 86 -1.56 -11.04 8.33
C HIS A 86 -1.01 -10.73 9.70
N LEU A 87 -1.89 -10.90 10.69
CA LEU A 87 -1.56 -10.74 12.09
C LEU A 87 -0.45 -11.71 12.49
N ILE A 88 0.58 -11.23 13.21
CA ILE A 88 1.63 -12.13 13.71
C ILE A 88 1.43 -11.89 15.19
N TYR A 89 0.85 -12.87 15.89
CA TYR A 89 0.58 -12.57 17.28
C TYR A 89 1.75 -12.52 18.23
N ASP A 90 1.49 -11.96 19.40
CA ASP A 90 2.56 -11.72 20.34
C ASP A 90 3.33 -12.94 20.80
N GLU A 91 2.67 -14.10 20.82
CA GLU A 91 3.37 -15.29 21.25
C GLU A 91 4.56 -15.53 20.32
N ILE A 92 4.43 -15.08 19.07
CA ILE A 92 5.54 -15.22 18.13
C ILE A 92 6.53 -14.04 18.30
N LEU A 93 6.01 -12.82 18.27
CA LEU A 93 6.88 -11.66 18.33
C LEU A 93 7.73 -11.59 19.59
N GLN A 94 7.21 -12.10 20.70
CA GLN A 94 7.96 -12.06 21.94
C GLN A 94 9.16 -13.01 21.96
N LEU A 95 9.28 -13.86 20.94
CA LEU A 95 10.38 -14.81 20.91
C LEU A 95 11.71 -14.11 20.66
N ALA A 96 11.65 -12.91 20.07
CA ALA A 96 12.86 -12.16 19.73
C ALA A 96 13.24 -11.20 20.82
N PRO A 97 14.35 -11.49 21.51
CA PRO A 97 14.74 -10.58 22.58
C PRO A 97 14.96 -9.14 22.18
N ALA A 98 15.46 -8.90 20.96
CA ALA A 98 15.70 -7.53 20.51
C ALA A 98 14.43 -6.88 19.99
N GLY A 99 13.34 -7.63 19.96
CA GLY A 99 12.08 -7.07 19.52
C GLY A 99 11.72 -7.40 18.10
N ALA A 100 10.60 -6.84 17.68
CA ALA A 100 10.09 -7.04 16.32
C ALA A 100 9.84 -5.67 15.73
N PHE A 101 10.16 -5.51 14.46
CA PHE A 101 9.99 -4.22 13.80
C PHE A 101 9.25 -4.39 12.50
N ASN A 102 8.37 -3.44 12.23
CA ASN A 102 7.53 -3.45 11.04
C ASN A 102 7.78 -2.22 10.19
N LEU A 103 7.76 -2.40 8.88
CA LEU A 103 7.96 -1.33 7.92
C LEU A 103 6.58 -1.02 7.38
N HIS A 104 6.11 0.18 7.65
CA HIS A 104 4.77 0.57 7.24
C HIS A 104 4.82 1.75 6.29
N GLY A 105 4.01 1.66 5.25
CA GLY A 105 4.01 2.70 4.24
C GLY A 105 3.23 3.98 4.50
N SER A 106 3.38 4.60 5.66
CA SER A 106 2.72 5.87 5.88
C SER A 106 3.46 6.63 6.97
N LEU A 107 3.06 7.88 7.15
CA LEU A 107 3.61 8.74 8.21
C LEU A 107 2.82 8.42 9.49
N LEU A 108 3.14 7.28 10.09
CA LEU A 108 2.46 6.88 11.33
C LEU A 108 2.61 8.03 12.33
N PRO A 109 1.63 8.23 13.20
CA PRO A 109 0.38 7.49 13.39
C PRO A 109 -0.72 7.64 12.37
N LYS A 110 -0.52 8.45 11.35
CA LYS A 110 -1.58 8.59 10.32
C LYS A 110 -1.53 7.35 9.44
N TYR A 111 -2.69 6.96 8.94
CA TYR A 111 -2.80 5.83 8.03
C TYR A 111 -2.32 4.47 8.50
N ARG A 112 -2.63 4.15 9.74
CA ARG A 112 -2.32 2.82 10.23
C ARG A 112 -3.26 1.96 9.43
N GLY A 113 -3.02 0.66 9.46
CA GLY A 113 -3.91 -0.25 8.77
C GLY A 113 -3.53 -0.60 7.36
N ARG A 114 -4.55 -0.94 6.60
CA ARG A 114 -4.41 -1.40 5.24
C ARG A 114 -4.29 -0.37 4.13
N ALA A 115 -3.58 -0.76 3.08
CA ALA A 115 -3.44 0.06 1.88
C ALA A 115 -3.16 1.55 2.04
N PRO A 116 -2.18 1.92 2.87
CA PRO A 116 -1.91 3.35 3.01
C PRO A 116 -1.49 4.01 1.69
N LEU A 117 -0.90 3.24 0.79
CA LEU A 117 -0.53 3.76 -0.50
C LEU A 117 -1.78 4.32 -1.20
N ASN A 118 -2.84 3.53 -1.23
CA ASN A 118 -4.04 3.98 -1.91
C ASN A 118 -4.82 5.04 -1.15
N TRP A 119 -4.98 4.85 0.17
CA TRP A 119 -5.75 5.82 0.93
C TRP A 119 -5.15 7.20 0.95
N VAL A 120 -3.83 7.34 0.95
CA VAL A 120 -3.31 8.70 0.94
C VAL A 120 -3.66 9.39 -0.38
N LEU A 121 -3.80 8.63 -1.47
CA LEU A 121 -4.15 9.25 -2.75
C LEU A 121 -5.64 9.55 -2.76
N VAL A 122 -6.44 8.63 -2.24
CA VAL A 122 -7.90 8.84 -2.15
C VAL A 122 -8.18 10.15 -1.43
N ASN A 123 -7.46 10.37 -0.33
CA ASN A 123 -7.67 11.56 0.48
C ASN A 123 -6.95 12.81 0.02
N GLY A 124 -6.25 12.71 -1.10
CA GLY A 124 -5.54 13.84 -1.65
C GLY A 124 -4.41 14.38 -0.81
N GLU A 125 -3.72 13.51 -0.09
CA GLU A 125 -2.59 13.98 0.73
C GLU A 125 -1.49 14.48 -0.20
N THR A 126 -0.69 15.42 0.28
CA THR A 126 0.40 15.97 -0.52
C THR A 126 1.72 15.35 -0.05
N GLU A 127 1.64 14.42 0.89
CA GLU A 127 2.86 13.79 1.39
C GLU A 127 2.50 12.46 2.04
N THR A 128 3.49 11.57 2.13
CA THR A 128 3.29 10.32 2.86
C THR A 128 4.71 9.88 3.23
N GLY A 129 4.93 8.62 3.52
CA GLY A 129 6.31 8.26 3.86
C GLY A 129 6.39 6.82 4.30
N VAL A 130 7.55 6.43 4.81
CA VAL A 130 7.71 5.07 5.29
C VAL A 130 8.16 5.16 6.72
N THR A 131 7.68 4.23 7.53
CA THR A 131 8.00 4.24 8.94
C THR A 131 8.44 2.87 9.38
N LEU A 132 9.55 2.80 10.14
CA LEU A 132 9.98 1.53 10.69
C LEU A 132 9.66 1.71 12.17
N HIS A 133 8.88 0.78 12.73
CA HIS A 133 8.48 0.92 14.12
C HIS A 133 8.49 -0.39 14.86
N ARG A 134 8.56 -0.32 16.19
CA ARG A 134 8.54 -1.51 17.02
C ARG A 134 7.12 -2.08 16.97
N MET A 135 7.02 -3.39 16.96
CA MET A 135 5.72 -4.04 16.94
C MET A 135 5.29 -4.34 18.37
N VAL A 136 4.20 -3.73 18.79
CA VAL A 136 3.71 -3.95 20.14
C VAL A 136 2.38 -4.67 20.07
N LYS A 137 1.70 -4.81 21.20
CA LYS A 137 0.43 -5.54 21.20
C LYS A 137 -0.54 -4.95 20.16
N ARG A 138 -0.68 -3.63 20.18
CA ARG A 138 -1.56 -2.94 19.27
C ARG A 138 -0.93 -2.76 17.89
N ALA A 139 -1.60 -3.28 16.87
CA ALA A 139 -1.09 -3.20 15.50
C ALA A 139 -0.80 -1.79 15.01
N ASP A 140 0.37 -1.63 14.41
CA ASP A 140 0.84 -0.37 13.79
C ASP A 140 0.98 0.80 14.73
N ALA A 141 1.01 0.53 16.02
CA ALA A 141 1.07 1.60 17.02
C ALA A 141 2.37 1.71 17.80
N GLY A 142 3.29 0.76 17.57
CA GLY A 142 4.56 0.77 18.29
C GLY A 142 5.43 1.98 18.01
N ALA A 143 6.38 2.21 18.91
CA ALA A 143 7.26 3.38 18.79
C ALA A 143 8.09 3.39 17.51
N ILE A 144 8.33 4.59 17.01
CA ILE A 144 9.03 4.77 15.75
C ILE A 144 10.55 4.79 15.85
N VAL A 145 11.18 3.94 15.05
CA VAL A 145 12.66 3.89 15.00
C VAL A 145 13.11 5.04 14.08
N ALA A 146 12.43 5.18 12.94
CA ALA A 146 12.73 6.25 12.01
C ALA A 146 11.58 6.38 11.05
N GLN A 147 11.39 7.59 10.54
CA GLN A 147 10.32 7.85 9.59
C GLN A 147 10.88 8.78 8.52
N LEU A 148 10.59 8.45 7.27
CA LEU A 148 11.09 9.22 6.14
C LEU A 148 9.93 9.64 5.28
N ARG A 149 9.79 10.95 5.11
CA ARG A 149 8.71 11.53 4.34
C ARG A 149 9.01 11.69 2.87
N ILE A 150 7.99 11.51 2.03
CA ILE A 150 8.14 11.77 0.61
C ILE A 150 6.96 12.64 0.21
N ALA A 151 7.16 13.44 -0.81
CA ALA A 151 6.07 14.28 -1.28
C ALA A 151 5.24 13.47 -2.26
N ILE A 152 3.97 13.80 -2.35
CA ILE A 152 3.07 13.18 -3.32
C ILE A 152 2.83 14.30 -4.34
N ALA A 153 3.13 14.03 -5.59
CA ALA A 153 2.96 15.01 -6.66
C ALA A 153 1.55 14.91 -7.21
N PRO A 154 0.99 16.02 -7.70
CA PRO A 154 -0.37 16.00 -8.25
C PRO A 154 -0.58 14.92 -9.31
N ASP A 155 0.47 14.59 -10.04
CA ASP A 155 0.32 13.60 -11.08
C ASP A 155 0.74 12.20 -10.67
N ASP A 156 1.06 12.01 -9.40
CA ASP A 156 1.39 10.66 -8.94
C ASP A 156 0.12 9.82 -8.97
N ILE A 157 0.27 8.54 -9.26
CA ILE A 157 -0.86 7.63 -9.18
C ILE A 157 -0.32 6.51 -8.27
N ALA A 158 -1.14 5.51 -7.99
CA ALA A 158 -0.69 4.46 -7.08
C ALA A 158 0.65 3.84 -7.43
N ILE A 159 0.83 3.49 -8.70
CA ILE A 159 2.09 2.85 -9.06
C ILE A 159 3.33 3.76 -8.97
N THR A 160 3.22 5.04 -9.32
CA THR A 160 4.40 5.89 -9.25
C THR A 160 4.70 6.19 -7.79
N LEU A 161 3.67 6.31 -6.96
CA LEU A 161 3.87 6.57 -5.54
C LEU A 161 4.47 5.32 -4.88
N HIS A 162 4.03 4.16 -5.34
CA HIS A 162 4.55 2.91 -4.82
C HIS A 162 6.07 2.84 -5.02
N HIS A 163 6.54 3.21 -6.21
CA HIS A 163 7.98 3.16 -6.46
C HIS A 163 8.70 4.18 -5.59
N LYS A 164 8.10 5.35 -5.38
CA LYS A 164 8.74 6.33 -4.51
C LYS A 164 8.83 5.83 -3.07
N LEU A 165 7.77 5.16 -2.62
CA LEU A 165 7.77 4.62 -1.26
C LEU A 165 8.84 3.55 -1.13
N CYS A 166 8.98 2.69 -2.14
CA CYS A 166 9.99 1.64 -2.08
C CYS A 166 11.36 2.25 -2.05
N HIS A 167 11.56 3.31 -2.82
CA HIS A 167 12.87 3.95 -2.81
C HIS A 167 13.16 4.53 -1.40
N ALA A 168 12.15 5.14 -0.79
CA ALA A 168 12.33 5.72 0.55
C ALA A 168 12.60 4.61 1.54
N ALA A 169 11.89 3.49 1.41
CA ALA A 169 12.12 2.36 2.30
C ALA A 169 13.55 1.86 2.19
N ARG A 170 14.07 1.79 0.97
CA ARG A 170 15.46 1.35 0.79
C ARG A 170 16.41 2.30 1.50
N GLN A 171 16.16 3.60 1.34
CA GLN A 171 17.02 4.60 1.97
C GLN A 171 16.95 4.50 3.48
N LEU A 172 15.73 4.32 4.00
CA LEU A 172 15.55 4.25 5.43
C LEU A 172 16.20 3.01 6.04
N LEU A 173 15.96 1.86 5.43
CA LEU A 173 16.50 0.63 5.95
C LEU A 173 18.02 0.55 5.87
N GLU A 174 18.59 1.11 4.81
CA GLU A 174 20.04 1.07 4.63
C GLU A 174 20.77 1.62 5.86
N GLN A 175 20.20 2.64 6.51
CA GLN A 175 20.85 3.19 7.69
C GLN A 175 20.27 2.71 9.00
N THR A 176 18.98 2.40 9.02
CA THR A 176 18.42 1.98 10.28
C THR A 176 18.70 0.52 10.63
N LEU A 177 18.83 -0.35 9.65
CA LEU A 177 19.09 -1.75 9.96
C LEU A 177 20.45 -1.88 10.68
N PRO A 178 21.48 -1.18 10.20
CA PRO A 178 22.75 -1.34 10.92
C PRO A 178 22.62 -0.72 12.32
N ALA A 179 21.81 0.34 12.43
CA ALA A 179 21.62 0.99 13.73
C ALA A 179 20.96 0.03 14.73
N ILE A 180 19.98 -0.75 14.25
CA ILE A 180 19.32 -1.71 15.12
C ILE A 180 20.30 -2.81 15.52
N LYS A 181 21.20 -3.16 14.61
CA LYS A 181 22.15 -4.21 14.87
C LYS A 181 23.04 -3.82 16.06
N HIS A 182 23.26 -2.53 16.24
CA HIS A 182 24.05 -2.03 17.37
C HIS A 182 23.28 -2.01 18.70
N GLY A 183 21.97 -2.16 18.66
CA GLY A 183 21.21 -2.16 19.89
C GLY A 183 19.89 -1.39 19.86
N ASN A 184 19.31 -1.20 21.03
CA ASN A 184 18.05 -0.46 21.11
C ASN A 184 18.29 1.01 20.75
N ILE A 185 17.35 1.57 20.00
CA ILE A 185 17.40 2.95 19.57
C ILE A 185 16.28 3.65 20.35
N LEU A 186 16.49 4.91 20.73
CA LEU A 186 15.44 5.62 21.47
C LEU A 186 14.36 5.87 20.44
N GLU A 187 13.22 5.21 20.61
CA GLU A 187 12.13 5.33 19.66
C GLU A 187 11.20 6.46 19.99
N ILE A 188 10.47 6.91 18.98
CA ILE A 188 9.53 8.01 19.09
C ILE A 188 8.13 7.46 19.25
N ALA A 189 7.51 7.75 20.38
CA ALA A 189 6.15 7.28 20.66
C ALA A 189 5.14 7.87 19.68
N GLN A 190 4.14 7.08 19.34
CA GLN A 190 3.10 7.55 18.47
C GLN A 190 2.07 8.12 19.44
N ARG A 191 1.44 9.22 19.06
CA ARG A 191 0.42 9.82 19.90
C ARG A 191 -0.90 9.31 19.38
N GLU A 192 -1.57 8.49 20.19
CA GLU A 192 -2.85 7.90 19.83
C GLU A 192 -3.89 8.90 19.35
N ASN A 193 -3.91 10.08 19.96
CA ASN A 193 -4.90 11.09 19.60
C ASN A 193 -4.67 11.60 18.19
N GLU A 194 -3.52 11.27 17.60
CA GLU A 194 -3.26 11.73 16.25
C GLU A 194 -3.33 10.60 15.24
N ALA A 195 -3.64 9.40 15.71
CA ALA A 195 -3.71 8.26 14.81
C ALA A 195 -4.98 8.18 13.98
N THR A 196 -4.86 7.56 12.82
CA THR A 196 -6.00 7.29 11.95
C THR A 196 -5.73 5.87 11.45
N CYS A 197 -6.80 5.13 11.21
CA CYS A 197 -6.71 3.74 10.82
C CYS A 197 -7.66 3.47 9.68
N PHE A 198 -7.20 2.69 8.71
CA PHE A 198 -8.01 2.32 7.56
C PHE A 198 -8.06 0.81 7.38
N GLY A 199 -9.22 0.33 6.94
CA GLY A 199 -9.39 -1.09 6.72
C GLY A 199 -9.10 -1.44 5.28
N ARG A 200 -9.21 -2.72 4.97
CA ARG A 200 -8.97 -3.21 3.62
C ARG A 200 -10.04 -2.59 2.73
N ARG A 201 -9.65 -2.17 1.53
CA ARG A 201 -10.56 -1.55 0.59
C ARG A 201 -11.41 -2.61 -0.12
N THR A 202 -12.70 -2.31 -0.20
CA THR A 202 -13.69 -3.16 -0.83
C THR A 202 -13.94 -2.59 -2.22
N PRO A 203 -14.60 -3.36 -3.11
CA PRO A 203 -14.85 -2.81 -4.44
C PRO A 203 -15.65 -1.50 -4.35
N ASP A 204 -16.51 -1.42 -3.33
CA ASP A 204 -17.32 -0.24 -3.13
C ASP A 204 -16.47 1.02 -2.87
N ASP A 205 -15.28 0.84 -2.30
CA ASP A 205 -14.42 1.96 -2.00
C ASP A 205 -13.81 2.65 -3.22
N SER A 206 -13.98 2.07 -4.40
CA SER A 206 -13.45 2.70 -5.60
C SER A 206 -14.60 3.13 -6.51
N PHE A 207 -15.82 3.11 -5.95
CA PHE A 207 -17.01 3.53 -6.69
C PHE A 207 -17.07 5.07 -6.76
N LEU A 208 -17.09 5.60 -7.97
CA LEU A 208 -17.16 7.05 -8.20
C LEU A 208 -18.61 7.53 -8.00
N GLU A 209 -18.79 8.53 -7.13
CA GLU A 209 -20.13 9.09 -6.88
C GLU A 209 -20.05 10.51 -7.41
N TRP A 210 -20.76 10.77 -8.49
CA TRP A 210 -20.66 12.06 -9.16
C TRP A 210 -21.08 13.31 -8.41
N HIS A 211 -21.77 13.16 -7.30
CA HIS A 211 -22.18 14.35 -6.56
C HIS A 211 -20.99 14.95 -5.82
N LYS A 212 -19.89 14.21 -5.77
CA LYS A 212 -18.70 14.70 -5.09
C LYS A 212 -17.90 15.66 -5.96
N PRO A 213 -16.95 16.40 -5.37
CA PRO A 213 -16.15 17.33 -6.14
C PRO A 213 -15.30 16.57 -7.17
N ALA A 214 -15.08 17.16 -8.34
CA ALA A 214 -14.29 16.50 -9.37
C ALA A 214 -12.90 16.16 -8.83
N SER A 215 -12.32 17.05 -8.02
CA SER A 215 -10.98 16.78 -7.46
C SER A 215 -10.93 15.50 -6.61
N VAL A 216 -11.98 15.25 -5.85
CA VAL A 216 -12.04 14.07 -5.01
C VAL A 216 -12.15 12.82 -5.89
N LEU A 217 -12.93 12.92 -6.95
CA LEU A 217 -13.09 11.77 -7.83
C LEU A 217 -11.80 11.51 -8.57
N HIS A 218 -11.14 12.59 -8.98
CA HIS A 218 -9.86 12.50 -9.67
C HIS A 218 -8.87 11.78 -8.76
N ASN A 219 -8.86 12.14 -7.48
CA ASN A 219 -7.96 11.45 -6.54
C ASN A 219 -8.28 9.97 -6.43
N MET A 220 -9.57 9.63 -6.48
CA MET A 220 -9.93 8.23 -6.42
C MET A 220 -9.37 7.52 -7.66
N VAL A 221 -9.48 8.14 -8.83
CA VAL A 221 -8.94 7.53 -10.06
C VAL A 221 -7.44 7.28 -9.92
N ARG A 222 -6.74 8.27 -9.38
CA ARG A 222 -5.29 8.16 -9.17
C ARG A 222 -4.95 7.04 -8.18
N ALA A 223 -5.77 6.92 -7.13
CA ALA A 223 -5.52 5.97 -6.04
C ALA A 223 -5.55 4.52 -6.45
N VAL A 224 -6.37 4.19 -7.45
CA VAL A 224 -6.46 2.80 -7.88
C VAL A 224 -6.24 2.56 -9.36
N ALA A 225 -5.48 3.46 -9.97
CA ALA A 225 -5.14 3.37 -11.37
C ALA A 225 -4.35 2.07 -11.59
N ASP A 226 -4.29 1.65 -12.85
CA ASP A 226 -3.59 0.43 -13.25
C ASP A 226 -2.17 0.49 -12.67
N PRO A 227 -1.66 -0.64 -12.14
CA PRO A 227 -2.21 -1.99 -12.04
C PRO A 227 -3.25 -2.29 -10.98
N TRP A 228 -3.71 -1.27 -10.26
CA TRP A 228 -4.78 -1.49 -9.32
C TRP A 228 -6.08 -1.62 -10.15
N PRO A 229 -7.18 -2.08 -9.54
CA PRO A 229 -8.48 -2.31 -10.18
C PRO A 229 -9.23 -1.21 -10.89
N GLY A 230 -8.86 0.03 -10.61
CA GLY A 230 -9.51 1.16 -11.25
C GLY A 230 -10.74 1.68 -10.54
N ALA A 231 -11.00 2.97 -10.69
CA ALA A 231 -12.17 3.60 -10.09
C ALA A 231 -13.30 3.32 -11.08
N PHE A 232 -14.52 3.10 -10.59
CA PHE A 232 -15.61 2.76 -11.51
C PHE A 232 -16.92 3.44 -11.20
N SER A 233 -17.81 3.39 -12.18
CA SER A 233 -19.17 3.94 -12.05
C SER A 233 -20.04 3.14 -13.02
N TYR A 234 -21.28 3.58 -13.22
CA TYR A 234 -22.18 2.90 -14.12
C TYR A 234 -22.90 3.88 -15.03
N VAL A 235 -23.23 3.41 -16.22
CA VAL A 235 -24.02 4.17 -17.16
C VAL A 235 -25.24 3.30 -17.09
N GLY A 236 -26.17 3.69 -16.23
CA GLY A 236 -27.36 2.90 -16.06
C GLY A 236 -26.92 1.61 -15.40
N ASN A 237 -27.01 0.51 -16.13
CA ASN A 237 -26.64 -0.78 -15.60
C ASN A 237 -25.30 -1.31 -16.12
N GLN A 238 -24.59 -0.48 -16.86
CA GLN A 238 -23.31 -0.87 -17.44
C GLN A 238 -22.13 -0.34 -16.62
N LYS A 239 -21.32 -1.22 -16.08
CA LYS A 239 -20.18 -0.75 -15.31
C LYS A 239 -19.09 -0.27 -16.27
N PHE A 240 -18.35 0.76 -15.86
CA PHE A 240 -17.21 1.21 -16.65
C PHE A 240 -16.16 1.66 -15.66
N THR A 241 -14.91 1.63 -16.13
CA THR A 241 -13.80 1.99 -15.27
C THR A 241 -13.12 3.20 -15.86
N VAL A 242 -12.70 4.10 -14.98
CA VAL A 242 -12.00 5.31 -15.38
C VAL A 242 -10.55 5.05 -15.01
N TRP A 243 -9.72 4.86 -16.03
CA TRP A 243 -8.31 4.58 -15.79
C TRP A 243 -7.47 5.83 -15.59
N SER A 244 -7.85 6.91 -16.25
CA SER A 244 -7.11 8.15 -16.07
C SER A 244 -8.07 9.29 -16.29
N SER A 245 -7.78 10.38 -15.61
CA SER A 245 -8.69 11.52 -15.62
C SER A 245 -7.98 12.88 -15.53
N ARG A 246 -8.78 13.93 -15.67
CA ARG A 246 -8.29 15.30 -15.57
C ARG A 246 -9.44 16.12 -15.00
N VAL A 247 -9.09 17.05 -14.11
CA VAL A 247 -10.12 17.88 -13.47
C VAL A 247 -10.32 19.15 -14.27
N HIS A 248 -11.57 19.56 -14.42
CA HIS A 248 -11.90 20.77 -15.15
C HIS A 248 -12.78 21.64 -14.27
N PRO A 249 -12.64 22.97 -14.40
CA PRO A 249 -13.42 23.95 -13.63
C PRO A 249 -14.92 23.85 -13.81
N LYS A 253 -22.82 23.49 -13.70
CA LYS A 253 -24.07 24.06 -14.19
C LYS A 253 -24.98 22.99 -14.77
N ALA A 254 -24.82 21.75 -14.32
CA ALA A 254 -25.62 20.63 -14.81
C ALA A 254 -25.76 19.55 -13.74
N GLN A 255 -26.71 18.63 -13.93
CA GLN A 255 -26.90 17.57 -12.95
C GLN A 255 -25.61 16.76 -12.80
N PRO A 256 -25.26 16.40 -11.57
CA PRO A 256 -24.03 15.63 -11.43
C PRO A 256 -24.21 14.29 -12.13
N GLY A 257 -23.15 13.83 -12.77
CA GLY A 257 -23.19 12.55 -13.46
C GLY A 257 -23.62 12.69 -14.90
N SER A 258 -24.09 13.87 -15.28
CA SER A 258 -24.55 14.09 -16.64
C SER A 258 -23.37 14.41 -17.56
N VAL A 259 -23.51 14.04 -18.84
CA VAL A 259 -22.44 14.27 -19.80
C VAL A 259 -22.39 15.68 -20.32
N ILE A 260 -21.27 16.35 -20.07
CA ILE A 260 -21.06 17.71 -20.54
C ILE A 260 -20.60 17.70 -21.98
N SER A 261 -19.71 16.76 -22.32
CA SER A 261 -19.21 16.62 -23.67
C SER A 261 -18.72 15.18 -23.81
N VAL A 262 -18.65 14.70 -25.05
CA VAL A 262 -18.22 13.33 -25.30
C VAL A 262 -16.85 13.23 -25.92
N ALA A 263 -16.30 14.37 -26.36
CA ALA A 263 -14.97 14.41 -26.95
C ALA A 263 -14.36 15.80 -26.74
N PRO A 264 -13.60 15.98 -25.65
CA PRO A 264 -13.30 14.95 -24.64
C PRO A 264 -14.51 14.60 -23.80
N LEU A 265 -14.46 13.41 -23.20
CA LEU A 265 -15.55 12.94 -22.36
C LEU A 265 -15.49 13.62 -20.99
N LEU A 266 -16.41 14.54 -20.74
CA LEU A 266 -16.45 15.25 -19.46
C LEU A 266 -17.75 14.97 -18.75
N ILE A 267 -17.64 14.64 -17.48
CA ILE A 267 -18.79 14.34 -16.66
C ILE A 267 -18.94 15.43 -15.59
N ALA A 268 -20.15 15.98 -15.46
CA ALA A 268 -20.38 16.99 -14.46
C ALA A 268 -20.32 16.36 -13.06
N CYS A 269 -19.66 17.05 -12.13
CA CYS A 269 -19.58 16.54 -10.77
C CYS A 269 -20.27 17.53 -9.85
N GLY A 270 -20.22 17.25 -8.55
CA GLY A 270 -20.85 18.13 -7.58
C GLY A 270 -20.22 19.49 -7.67
N ASP A 271 -18.98 19.52 -8.10
CA ASP A 271 -18.22 20.74 -8.27
C ASP A 271 -17.14 20.48 -9.31
N GLY A 272 -17.13 21.28 -10.38
CA GLY A 272 -16.16 21.07 -11.43
C GLY A 272 -16.60 19.91 -12.30
N ALA A 273 -15.74 19.49 -13.23
CA ALA A 273 -16.09 18.36 -14.09
C ALA A 273 -14.91 17.42 -14.14
N LEU A 274 -15.18 16.15 -14.42
CA LEU A 274 -14.09 15.19 -14.52
C LEU A 274 -14.02 14.71 -15.94
N GLU A 275 -12.85 14.84 -16.55
CA GLU A 275 -12.66 14.33 -17.89
C GLU A 275 -12.16 12.89 -17.75
N ILE A 276 -12.81 11.99 -18.48
CA ILE A 276 -12.38 10.59 -18.47
C ILE A 276 -11.43 10.52 -19.65
N VAL A 277 -10.13 10.49 -19.35
CA VAL A 277 -9.12 10.44 -20.40
C VAL A 277 -9.04 9.06 -21.02
N THR A 278 -9.04 8.04 -20.19
CA THR A 278 -9.03 6.67 -20.68
C THR A 278 -9.89 5.85 -19.72
N GLY A 279 -10.46 4.77 -20.22
CA GLY A 279 -11.29 3.94 -19.37
C GLY A 279 -11.73 2.74 -20.18
N GLN A 280 -12.58 1.89 -19.61
CA GLN A 280 -13.06 0.74 -20.35
C GLN A 280 -14.49 0.46 -19.91
N ALA A 281 -15.23 -0.23 -20.77
CA ALA A 281 -16.60 -0.56 -20.45
C ALA A 281 -16.59 -1.99 -19.99
N GLY A 282 -17.04 -2.24 -18.77
CA GLY A 282 -17.06 -3.59 -18.25
C GLY A 282 -15.67 -4.20 -18.28
N ASP A 283 -15.57 -5.40 -18.84
CA ASP A 283 -14.28 -6.09 -18.94
C ASP A 283 -13.67 -5.91 -20.32
N GLY A 284 -14.15 -4.89 -21.03
CA GLY A 284 -13.66 -4.59 -22.36
C GLY A 284 -12.28 -3.96 -22.29
N ILE A 285 -11.72 -3.62 -23.43
CA ILE A 285 -10.38 -3.04 -23.42
C ILE A 285 -10.37 -1.55 -23.13
N THR A 286 -9.22 -1.09 -22.68
CA THR A 286 -9.02 0.32 -22.40
C THR A 286 -9.01 1.10 -23.70
N MET A 287 -9.65 2.27 -23.66
CA MET A 287 -9.73 3.14 -24.82
C MET A 287 -9.76 4.58 -24.36
N GLN A 288 -9.56 5.50 -25.30
CA GLN A 288 -9.62 6.92 -24.98
C GLN A 288 -11.07 7.24 -24.58
N GLY A 289 -11.23 8.28 -23.76
CA GLY A 289 -12.54 8.66 -23.27
C GLY A 289 -13.56 8.88 -24.37
N SER A 290 -13.15 9.50 -25.47
CA SER A 290 -14.09 9.76 -26.56
C SER A 290 -14.64 8.47 -27.13
N GLN A 291 -13.78 7.46 -27.24
CA GLN A 291 -14.24 6.19 -27.77
C GLN A 291 -15.11 5.50 -26.73
N LEU A 292 -14.72 5.61 -25.46
CA LEU A 292 -15.49 5.00 -24.39
C LEU A 292 -16.90 5.58 -24.37
N ALA A 293 -17.00 6.87 -24.65
CA ALA A 293 -18.30 7.55 -24.67
C ALA A 293 -19.18 6.88 -25.71
N GLN A 294 -18.65 6.66 -26.90
CA GLN A 294 -19.43 6.03 -27.94
C GLN A 294 -19.78 4.60 -27.57
N THR A 295 -18.83 3.89 -26.96
CA THR A 295 -19.05 2.51 -26.54
C THR A 295 -20.17 2.41 -25.54
N LEU A 296 -20.27 3.39 -24.67
CA LEU A 296 -21.29 3.42 -23.62
C LEU A 296 -22.60 4.08 -24.09
N GLY A 297 -22.63 4.56 -25.32
CA GLY A 297 -23.85 5.17 -25.83
C GLY A 297 -24.12 6.56 -25.27
N LEU A 298 -23.08 7.21 -24.78
CA LEU A 298 -23.20 8.56 -24.22
C LEU A 298 -23.30 9.66 -25.29
N VAL A 299 -24.05 10.72 -24.97
CA VAL A 299 -24.19 11.87 -25.85
C VAL A 299 -24.24 13.08 -24.94
N GLN A 300 -23.89 14.25 -25.46
CA GLN A 300 -23.91 15.47 -24.65
C GLN A 300 -25.32 15.75 -24.15
#